data_1B3F
#
_entry.id   1B3F
#
_cell.length_a   109.936
_cell.length_b   75.892
_cell.length_c   70.594
_cell.angle_alpha   90.00
_cell.angle_beta   90.00
_cell.angle_gamma   90.00
#
_symmetry.space_group_name_H-M   'P 21 21 21'
#
loop_
_entity.id
_entity.type
_entity.pdbx_description
1 polymer 'PROTEIN (OLIGO-PEPTIDE BINDING PROTEIN)'
2 polymer 'PROTEIN (LYS-HIS-LYS)'
3 non-polymer 'URANYL (VI) ION'
4 water water
#
loop_
_entity_poly.entity_id
_entity_poly.type
_entity_poly.pdbx_seq_one_letter_code
_entity_poly.pdbx_strand_id
1 'polypeptide(L)'
;ADVPAGVQLADKQTLVRNNGSEVQSLDPHKIEGVPESNVSRDLFEGLLISDVEGHPSPGVAEKWENKDFKVWTFHLRENA
KWSDGTPVTAHDFVYSWQRLADPNTASPYASYLQYGHIANIDDIIAGKKPATDLGVKALDDHTFEVTLSEPVPYFYKLLV
HPSVSPVPKSAVEKFGDKWTQPANIVTNGAYKLKNWVVNERIVLERNPQYWDNAKTVINQVTYLPISSEVTDVNRYRSGE
IDMTYNNMPIELFQKLKKEIPNEVRVDPYLCTYYYEINNQKAPFNDVRVRTALKLALDRDIIVNKVKNQGDLPAYSYTPP
YTDGAKLVEPEWFKWSQQKRNEEAKKLLAEAGFTADKPLTFDLLYNTSDLHKKLAIAVASIWKKNLGVNVNLENQEWKTF
LDTRHQGTFDVARAGWCADYNEPTSFLNTMLSDSSNNTAHYKSPAFDKLIADTLKVADDTQRSELYAKAEQQLDKDSAIV
PVYYYVNARLVKPWVGGYTGKDPLDNIYVKNLYIIKH
;
A
2 'polypeptide(L)' KHK B
#
loop_
_chem_comp.id
_chem_comp.type
_chem_comp.name
_chem_comp.formula
IUM non-polymer 'URANYL (VI) ION' 'O2 U 2'
#
# COMPACT_ATOMS: atom_id res chain seq x y z
N ALA A 1 -11.27 12.69 16.97
CA ALA A 1 -11.46 13.85 16.08
C ALA A 1 -11.37 15.10 16.95
N ASP A 2 -10.81 16.16 16.40
CA ASP A 2 -10.68 17.44 17.14
C ASP A 2 -11.58 18.43 16.43
N VAL A 3 -12.82 18.61 16.88
CA VAL A 3 -13.76 19.50 16.20
C VAL A 3 -13.45 20.96 16.56
N PRO A 4 -13.15 21.76 15.57
CA PRO A 4 -12.82 23.17 15.77
C PRO A 4 -13.95 23.89 16.49
N ALA A 5 -13.56 24.80 17.40
CA ALA A 5 -14.53 25.61 18.12
C ALA A 5 -15.47 26.27 17.11
N GLY A 6 -16.78 26.30 17.40
CA GLY A 6 -17.70 26.93 16.48
C GLY A 6 -18.22 26.10 15.34
N VAL A 7 -17.70 24.89 15.06
CA VAL A 7 -18.31 24.16 13.96
C VAL A 7 -19.57 23.50 14.55
N GLN A 8 -20.64 23.53 13.79
CA GLN A 8 -21.87 22.89 14.24
C GLN A 8 -21.88 21.44 13.73
N LEU A 9 -22.03 20.48 14.61
CA LEU A 9 -22.08 19.10 14.13
C LEU A 9 -23.47 18.66 13.70
N ALA A 10 -23.49 17.80 12.68
CA ALA A 10 -24.73 17.22 12.24
C ALA A 10 -25.25 16.35 13.39
N ASP A 11 -26.58 16.25 13.48
CA ASP A 11 -27.21 15.37 14.47
C ASP A 11 -26.78 13.92 14.21
N LYS A 12 -26.79 13.49 12.97
CA LYS A 12 -26.44 12.15 12.58
C LYS A 12 -24.98 12.11 12.13
N GLN A 13 -24.20 11.33 12.90
CA GLN A 13 -22.76 11.22 12.59
C GLN A 13 -22.47 9.91 11.91
N THR A 14 -22.79 9.85 10.61
CA THR A 14 -22.53 8.63 9.83
C THR A 14 -21.79 9.01 8.55
N LEU A 15 -21.01 8.06 8.06
CA LEU A 15 -20.18 8.29 6.89
C LEU A 15 -20.23 7.09 5.97
N VAL A 16 -20.22 7.37 4.67
CA VAL A 16 -20.16 6.31 3.65
C VAL A 16 -18.93 6.59 2.80
N ARG A 17 -17.99 5.64 2.76
CA ARG A 17 -16.79 5.81 1.94
C ARG A 17 -16.69 4.75 0.89
N ASN A 18 -16.27 5.07 -0.35
CA ASN A 18 -16.09 3.95 -1.30
C ASN A 18 -14.67 3.45 -1.05
N ASN A 19 -14.43 2.16 -1.22
CA ASN A 19 -13.13 1.57 -0.87
C ASN A 19 -12.49 0.80 -2.00
N GLY A 20 -12.97 1.04 -3.23
CA GLY A 20 -12.36 0.51 -4.42
C GLY A 20 -12.62 -0.91 -4.85
N SER A 21 -12.73 -1.86 -3.96
CA SER A 21 -12.95 -3.25 -4.22
C SER A 21 -13.33 -3.95 -2.91
N GLU A 22 -13.70 -5.22 -3.10
CA GLU A 22 -13.97 -6.07 -1.95
C GLU A 22 -12.61 -6.39 -1.33
N VAL A 23 -12.53 -6.26 -0.01
CA VAL A 23 -11.26 -6.56 0.63
C VAL A 23 -10.86 -8.02 0.50
N GLN A 24 -9.56 -8.24 0.52
CA GLN A 24 -9.01 -9.58 0.54
C GLN A 24 -9.46 -10.30 1.83
N SER A 25 -9.41 -9.53 2.92
CA SER A 25 -9.66 -10.17 4.23
C SER A 25 -9.76 -9.05 5.27
N LEU A 26 -10.21 -9.35 6.49
CA LEU A 26 -10.14 -8.38 7.57
C LEU A 26 -9.06 -8.84 8.56
N ASP A 27 -8.37 -9.93 8.24
CA ASP A 27 -7.29 -10.40 9.14
C ASP A 27 -6.03 -9.62 8.82
N PRO A 28 -5.49 -8.83 9.74
CA PRO A 28 -4.34 -7.99 9.50
C PRO A 28 -3.13 -8.75 8.97
N HIS A 29 -3.02 -10.07 9.23
CA HIS A 29 -1.89 -10.84 8.72
C HIS A 29 -2.16 -11.44 7.34
N LYS A 30 -3.33 -11.24 6.77
CA LYS A 30 -3.60 -11.83 5.44
C LYS A 30 -3.78 -10.71 4.42
N ILE A 31 -3.46 -9.46 4.70
CA ILE A 31 -3.82 -8.41 3.71
C ILE A 31 -2.59 -7.71 3.15
N GLU A 32 -2.76 -7.09 1.95
CA GLU A 32 -1.58 -6.40 1.43
C GLU A 32 -1.94 -5.14 0.69
N GLY A 33 -3.21 -4.74 0.68
CA GLY A 33 -3.56 -3.59 -0.20
C GLY A 33 -4.19 -2.42 0.56
N VAL A 34 -4.36 -1.34 -0.23
CA VAL A 34 -4.96 -0.09 0.26
C VAL A 34 -6.36 -0.28 0.78
N PRO A 35 -7.26 -0.94 0.04
CA PRO A 35 -8.63 -1.10 0.49
C PRO A 35 -8.62 -1.85 1.82
N GLU A 36 -7.76 -2.88 1.87
CA GLU A 36 -7.72 -3.69 3.10
C GLU A 36 -7.27 -2.83 4.28
N SER A 37 -6.21 -2.04 4.05
CA SER A 37 -5.61 -1.25 5.12
C SER A 37 -6.55 -0.14 5.54
N ASN A 38 -7.36 0.37 4.60
CA ASN A 38 -8.34 1.40 4.95
C ASN A 38 -9.30 0.93 6.06
N VAL A 39 -9.84 -0.26 5.91
CA VAL A 39 -10.75 -0.84 6.90
C VAL A 39 -9.92 -1.25 8.11
N SER A 40 -8.73 -1.85 7.89
CA SER A 40 -7.92 -2.26 9.06
C SER A 40 -7.61 -1.15 10.04
N ARG A 41 -7.36 0.08 9.59
CA ARG A 41 -7.04 1.16 10.53
C ARG A 41 -8.20 1.49 11.46
N ASP A 42 -9.45 1.29 11.01
CA ASP A 42 -10.56 1.58 11.91
C ASP A 42 -10.77 0.46 12.94
N LEU A 43 -10.32 -0.75 12.61
CA LEU A 43 -10.59 -1.88 13.51
C LEU A 43 -9.45 -2.35 14.39
N PHE A 44 -8.20 -2.30 13.93
CA PHE A 44 -7.09 -2.82 14.73
C PHE A 44 -6.05 -1.72 14.87
N GLU A 45 -5.63 -1.54 16.13
CA GLU A 45 -4.66 -0.47 16.40
C GLU A 45 -3.35 -1.02 16.96
N GLY A 46 -2.27 -0.65 16.29
CA GLY A 46 -0.94 -1.08 16.70
C GLY A 46 -0.29 -0.16 17.73
N LEU A 47 1.04 -0.33 17.81
CA LEU A 47 1.82 0.40 18.82
C LEU A 47 1.68 1.90 18.62
N LEU A 48 1.89 2.32 17.37
CA LEU A 48 1.77 3.72 16.99
C LEU A 48 0.69 3.85 15.89
N ILE A 49 0.17 5.06 15.72
CA ILE A 49 -0.80 5.31 14.62
C ILE A 49 -0.33 6.60 13.93
N SER A 50 -0.84 6.94 12.74
CA SER A 50 -0.52 8.24 12.18
C SER A 50 -1.47 9.29 12.76
N ASP A 51 -1.06 10.51 13.01
CA ASP A 51 -2.01 11.54 13.42
C ASP A 51 -2.72 12.03 12.16
N VAL A 52 -3.48 13.13 12.24
CA VAL A 52 -4.22 13.58 11.06
C VAL A 52 -3.37 14.15 9.96
N GLU A 53 -2.11 14.43 10.17
CA GLU A 53 -1.22 14.93 9.12
C GLU A 53 -0.23 13.86 8.70
N GLY A 54 -0.34 12.66 9.27
CA GLY A 54 0.49 11.53 8.95
C GLY A 54 1.69 11.27 9.84
N HIS A 55 1.93 12.06 10.88
CA HIS A 55 3.11 11.83 11.74
C HIS A 55 2.88 10.63 12.66
N PRO A 56 3.86 9.74 12.78
CA PRO A 56 3.78 8.56 13.64
C PRO A 56 3.50 9.09 15.03
N SER A 57 2.51 8.57 15.72
CA SER A 57 2.07 9.12 17.00
C SER A 57 1.66 7.95 17.87
N PRO A 58 1.43 8.21 19.16
CA PRO A 58 1.09 7.14 20.08
C PRO A 58 -0.15 6.41 19.65
N GLY A 59 -0.13 5.06 19.69
CA GLY A 59 -1.32 4.25 19.41
C GLY A 59 -1.56 3.47 20.72
N VAL A 60 -1.39 2.15 20.72
CA VAL A 60 -1.52 1.44 22.02
C VAL A 60 -0.32 1.78 22.89
N ALA A 61 0.85 2.05 22.29
CA ALA A 61 1.98 2.54 23.09
C ALA A 61 1.81 4.05 23.33
N GLU A 62 1.88 4.44 24.61
CA GLU A 62 1.79 5.88 24.92
C GLU A 62 3.20 6.48 24.92
N LYS A 63 4.23 5.70 25.17
CA LYS A 63 5.58 6.27 25.11
C LYS A 63 6.56 5.15 24.80
N TRP A 64 7.72 5.48 24.27
CA TRP A 64 8.71 4.47 23.87
C TRP A 64 10.10 5.06 23.89
N GLU A 65 11.11 4.17 24.04
CA GLU A 65 12.50 4.58 23.99
C GLU A 65 13.25 3.57 23.15
N ASN A 66 14.46 3.92 22.74
CA ASN A 66 15.28 2.94 22.02
C ASN A 66 16.70 2.96 22.61
N LYS A 67 17.40 1.86 22.51
CA LYS A 67 18.81 1.78 22.90
C LYS A 67 19.59 1.47 21.64
N ASP A 68 20.40 2.42 21.18
CA ASP A 68 21.23 2.28 20.00
C ASP A 68 20.41 1.93 18.74
N PHE A 69 19.11 2.32 18.73
CA PHE A 69 18.22 1.99 17.62
C PHE A 69 18.10 0.49 17.39
N LYS A 70 18.39 -0.35 18.38
CA LYS A 70 18.34 -1.79 18.23
C LYS A 70 17.38 -2.41 19.23
N VAL A 71 17.28 -1.83 20.44
CA VAL A 71 16.30 -2.38 21.38
C VAL A 71 15.26 -1.29 21.61
N TRP A 72 14.01 -1.61 21.23
CA TRP A 72 12.94 -0.63 21.34
C TRP A 72 11.96 -1.09 22.39
N THR A 73 11.65 -0.21 23.34
CA THR A 73 10.76 -0.50 24.46
C THR A 73 9.50 0.35 24.43
N PHE A 74 8.37 -0.33 24.33
CA PHE A 74 7.08 0.36 24.19
C PHE A 74 6.24 0.23 25.44
N HIS A 75 5.92 1.39 26.00
CA HIS A 75 5.07 1.44 27.19
C HIS A 75 3.62 1.53 26.79
N LEU A 76 2.84 0.45 26.96
CA LEU A 76 1.45 0.42 26.53
C LEU A 76 0.50 1.08 27.52
N ARG A 77 -0.44 1.88 26.99
CA ARG A 77 -1.38 2.55 27.91
C ARG A 77 -2.20 1.56 28.67
N GLU A 78 -2.37 1.84 30.00
CA GLU A 78 -3.10 0.85 30.83
C GLU A 78 -4.55 0.65 30.51
N ASN A 79 -5.22 1.61 29.85
CA ASN A 79 -6.62 1.47 29.50
C ASN A 79 -6.90 1.03 28.07
N ALA A 80 -5.91 0.49 27.36
CA ALA A 80 -6.16 0.01 25.98
C ALA A 80 -6.97 -1.26 26.13
N LYS A 81 -8.11 -1.37 25.48
CA LYS A 81 -8.95 -2.55 25.59
C LYS A 81 -9.46 -3.02 24.23
N TRP A 82 -9.77 -4.30 24.14
CA TRP A 82 -10.42 -4.86 22.95
C TRP A 82 -11.91 -4.57 23.05
N SER A 83 -12.71 -4.86 22.02
CA SER A 83 -14.13 -4.56 21.99
C SER A 83 -14.98 -5.41 22.93
N ASP A 84 -14.39 -6.49 23.44
CA ASP A 84 -15.12 -7.32 24.40
C ASP A 84 -14.78 -6.89 25.82
N GLY A 85 -14.13 -5.75 26.01
CA GLY A 85 -13.77 -5.25 27.31
C GLY A 85 -12.44 -5.69 27.91
N THR A 86 -11.78 -6.68 27.35
CA THR A 86 -10.53 -7.21 27.89
C THR A 86 -9.37 -6.33 27.54
N PRO A 87 -8.33 -6.27 28.37
CA PRO A 87 -7.19 -5.43 28.16
C PRO A 87 -6.37 -5.83 26.94
N VAL A 88 -5.82 -4.85 26.25
CA VAL A 88 -4.83 -5.13 25.20
C VAL A 88 -3.50 -5.15 25.94
N THR A 89 -2.71 -6.22 25.81
CA THR A 89 -1.48 -6.30 26.58
C THR A 89 -0.30 -6.51 25.67
N ALA A 90 0.91 -6.45 26.24
CA ALA A 90 2.09 -6.75 25.46
C ALA A 90 2.07 -8.22 25.00
N HIS A 91 1.39 -9.13 25.73
CA HIS A 91 1.29 -10.51 25.30
C HIS A 91 0.55 -10.61 23.95
N ASP A 92 -0.44 -9.74 23.71
CA ASP A 92 -1.11 -9.71 22.44
C ASP A 92 -0.16 -9.39 21.28
N PHE A 93 0.76 -8.42 21.50
CA PHE A 93 1.72 -8.08 20.49
C PHE A 93 2.73 -9.21 20.27
N VAL A 94 3.13 -9.91 21.38
CA VAL A 94 4.07 -11.00 21.19
C VAL A 94 3.44 -12.09 20.34
N TYR A 95 2.23 -12.48 20.65
CA TYR A 95 1.52 -13.51 19.87
C TYR A 95 1.38 -13.03 18.43
N SER A 96 0.92 -11.81 18.24
CA SER A 96 0.62 -11.33 16.89
C SER A 96 1.85 -11.26 15.99
N TRP A 97 2.97 -10.71 16.47
CA TRP A 97 4.16 -10.64 15.64
C TRP A 97 4.68 -12.04 15.38
N GLN A 98 4.55 -12.99 16.34
CA GLN A 98 4.98 -14.35 16.02
C GLN A 98 4.07 -14.97 14.95
N ARG A 99 2.78 -14.68 14.96
CA ARG A 99 1.85 -15.22 13.98
C ARG A 99 2.18 -14.63 12.62
N LEU A 100 2.54 -13.34 12.63
CA LEU A 100 2.99 -12.74 11.35
C LEU A 100 4.21 -13.45 10.77
N ALA A 101 5.21 -13.76 11.62
CA ALA A 101 6.46 -14.35 11.20
C ALA A 101 6.32 -15.83 10.75
N ASP A 102 5.42 -16.55 11.37
CA ASP A 102 5.24 -17.98 11.18
C ASP A 102 4.88 -18.28 9.73
N PRO A 103 5.64 -19.13 9.07
CA PRO A 103 5.37 -19.51 7.69
C PRO A 103 4.04 -20.17 7.47
N ASN A 104 3.49 -20.88 8.48
CA ASN A 104 2.18 -21.46 8.38
C ASN A 104 1.08 -20.39 8.17
N THR A 105 1.30 -19.15 8.61
CA THR A 105 0.30 -18.09 8.37
C THR A 105 0.31 -17.63 6.90
N ALA A 106 1.45 -17.80 6.27
CA ALA A 106 1.71 -17.40 4.89
C ALA A 106 1.28 -15.95 4.65
N SER A 107 1.71 -15.05 5.54
CA SER A 107 1.27 -13.64 5.29
C SER A 107 2.02 -13.09 4.10
N PRO A 108 1.35 -12.27 3.28
CA PRO A 108 2.06 -11.54 2.22
C PRO A 108 3.00 -10.50 2.83
N TYR A 109 2.79 -10.16 4.11
CA TYR A 109 3.63 -9.20 4.79
C TYR A 109 4.54 -9.84 5.83
N ALA A 110 4.79 -11.15 5.68
CA ALA A 110 5.80 -11.77 6.59
C ALA A 110 7.11 -11.03 6.54
N SER A 111 7.57 -10.53 5.37
CA SER A 111 8.83 -9.80 5.27
C SER A 111 8.86 -8.42 5.89
N TYR A 112 7.74 -7.90 6.38
CA TYR A 112 7.74 -6.61 7.07
C TYR A 112 8.66 -6.71 8.31
N LEU A 113 8.72 -7.91 8.94
CA LEU A 113 9.60 -8.12 10.09
C LEU A 113 11.07 -8.21 9.68
N GLN A 114 11.37 -8.55 8.44
CA GLN A 114 12.68 -8.49 7.85
C GLN A 114 13.01 -7.01 7.53
N TYR A 115 12.05 -6.24 7.06
CA TYR A 115 12.30 -4.81 6.79
C TYR A 115 12.69 -4.07 8.09
N GLY A 116 12.08 -4.48 9.20
CA GLY A 116 12.44 -3.89 10.48
C GLY A 116 13.62 -4.61 11.12
N HIS A 117 14.06 -5.73 10.57
CA HIS A 117 15.17 -6.49 11.12
C HIS A 117 14.96 -7.02 12.54
N ILE A 118 13.77 -7.49 12.85
CA ILE A 118 13.52 -8.07 14.17
C ILE A 118 14.43 -9.31 14.27
N ALA A 119 15.03 -9.50 15.44
CA ALA A 119 15.95 -10.65 15.55
C ALA A 119 15.32 -11.97 15.20
N ASN A 120 16.11 -12.81 14.53
CA ASN A 120 15.84 -14.16 14.11
C ASN A 120 14.76 -14.33 13.02
N ILE A 121 14.28 -13.28 12.39
CA ILE A 121 13.19 -13.43 11.41
C ILE A 121 13.57 -14.27 10.20
N ASP A 122 14.78 -14.14 9.68
CA ASP A 122 15.17 -14.91 8.48
C ASP A 122 15.05 -16.41 8.76
N ASP A 123 15.65 -16.87 9.87
CA ASP A 123 15.53 -18.28 10.23
C ASP A 123 14.09 -18.73 10.45
N ILE A 124 13.24 -17.88 11.02
CA ILE A 124 11.85 -18.21 11.26
C ILE A 124 11.11 -18.38 9.92
N ILE A 125 11.26 -17.40 9.04
CA ILE A 125 10.62 -17.51 7.73
C ILE A 125 11.06 -18.80 7.01
N ALA A 126 12.32 -19.16 7.15
CA ALA A 126 12.88 -20.34 6.50
C ALA A 126 12.56 -21.65 7.20
N GLY A 127 11.85 -21.64 8.32
CA GLY A 127 11.47 -22.80 9.07
C GLY A 127 12.62 -23.40 9.87
N LYS A 128 13.74 -22.69 10.00
CA LYS A 128 14.89 -23.20 10.73
C LYS A 128 14.72 -23.01 12.22
N LYS A 129 13.94 -22.01 12.61
CA LYS A 129 13.66 -21.71 14.01
C LYS A 129 12.17 -21.51 14.14
N PRO A 130 11.62 -21.89 15.29
CA PRO A 130 10.21 -21.71 15.56
C PRO A 130 9.86 -20.23 15.72
N ALA A 131 8.60 -19.88 15.46
CA ALA A 131 8.21 -18.46 15.55
C ALA A 131 8.40 -17.84 16.92
N THR A 132 8.39 -18.67 17.97
CA THR A 132 8.61 -18.20 19.35
C THR A 132 10.06 -17.81 19.59
N ASP A 133 10.97 -17.90 18.63
CA ASP A 133 12.33 -17.40 18.80
C ASP A 133 12.38 -15.96 18.32
N LEU A 134 11.26 -15.39 17.85
CA LEU A 134 11.30 -14.02 17.32
C LEU A 134 11.74 -13.03 18.37
N GLY A 135 12.54 -12.04 18.01
CA GLY A 135 13.05 -11.08 19.01
C GLY A 135 12.07 -10.07 19.55
N VAL A 136 10.99 -10.54 20.17
CA VAL A 136 10.00 -9.73 20.84
C VAL A 136 9.69 -10.37 22.20
N LYS A 137 9.47 -9.55 23.19
CA LYS A 137 9.03 -10.10 24.49
C LYS A 137 8.13 -9.13 25.23
N ALA A 138 7.26 -9.65 26.08
CA ALA A 138 6.44 -8.84 26.96
C ALA A 138 7.19 -8.81 28.33
N LEU A 139 7.68 -7.62 28.68
CA LEU A 139 8.43 -7.53 29.97
C LEU A 139 7.44 -7.55 31.12
N ASP A 140 6.22 -7.11 30.86
CA ASP A 140 5.10 -7.19 31.75
C ASP A 140 3.84 -7.02 30.88
N ASP A 141 2.65 -6.96 31.45
CA ASP A 141 1.44 -6.79 30.66
C ASP A 141 1.46 -5.47 29.87
N HIS A 142 2.14 -4.44 30.31
CA HIS A 142 2.06 -3.15 29.59
C HIS A 142 3.37 -2.73 28.97
N THR A 143 4.27 -3.68 28.75
CA THR A 143 5.60 -3.33 28.23
C THR A 143 6.05 -4.31 27.16
N PHE A 144 6.17 -3.84 25.92
CA PHE A 144 6.56 -4.69 24.81
C PHE A 144 7.94 -4.27 24.34
N GLU A 145 8.88 -5.19 24.28
CA GLU A 145 10.26 -4.96 23.93
C GLU A 145 10.66 -5.71 22.66
N VAL A 146 11.19 -4.94 21.72
CA VAL A 146 11.56 -5.46 20.41
C VAL A 146 13.06 -5.36 20.23
N THR A 147 13.68 -6.47 19.81
CA THR A 147 15.12 -6.51 19.66
C THR A 147 15.47 -6.74 18.17
N LEU A 148 16.18 -5.82 17.57
CA LEU A 148 16.56 -5.90 16.17
C LEU A 148 17.98 -6.41 16.03
N SER A 149 18.31 -6.95 14.86
CA SER A 149 19.67 -7.45 14.66
C SER A 149 20.65 -6.38 14.21
N GLU A 150 20.20 -5.18 13.88
CA GLU A 150 21.10 -4.07 13.55
C GLU A 150 20.31 -2.78 13.75
N PRO A 151 21.00 -1.65 13.92
CA PRO A 151 20.37 -0.38 14.20
C PRO A 151 19.46 0.06 13.04
N VAL A 152 18.25 0.43 13.41
CA VAL A 152 17.27 0.92 12.43
C VAL A 152 16.66 2.19 12.99
N PRO A 153 17.19 3.36 12.63
CA PRO A 153 16.78 4.62 13.20
C PRO A 153 15.35 5.01 12.90
N TYR A 154 14.83 4.53 11.75
CA TYR A 154 13.46 4.77 11.34
C TYR A 154 12.51 3.66 11.72
N PHE A 155 12.93 2.74 12.62
CA PHE A 155 12.11 1.60 12.95
C PHE A 155 10.69 1.98 13.33
N TYR A 156 10.53 2.92 14.29
CA TYR A 156 9.19 3.27 14.75
C TYR A 156 8.26 3.70 13.62
N LYS A 157 8.76 4.26 12.53
CA LYS A 157 7.89 4.66 11.41
C LYS A 157 7.15 3.47 10.84
N LEU A 158 7.72 2.26 10.91
CA LEU A 158 7.07 1.08 10.38
C LEU A 158 5.79 0.72 11.10
N LEU A 159 5.67 1.05 12.38
CA LEU A 159 4.68 0.50 13.27
C LEU A 159 3.26 0.94 13.07
N VAL A 160 2.96 1.84 12.13
CA VAL A 160 1.54 2.18 11.90
C VAL A 160 0.85 1.22 10.95
N HIS A 161 1.54 0.27 10.32
CA HIS A 161 1.04 -0.61 9.30
C HIS A 161 0.23 -1.76 9.85
N PRO A 162 -0.78 -2.23 9.11
CA PRO A 162 -1.70 -3.23 9.62
C PRO A 162 -1.03 -4.53 9.99
N SER A 163 0.05 -4.91 9.31
CA SER A 163 0.67 -6.21 9.59
C SER A 163 1.19 -6.30 11.02
N VAL A 164 1.49 -5.18 11.65
CA VAL A 164 2.03 -5.19 13.02
C VAL A 164 0.94 -4.77 14.02
N SER A 165 -0.34 -4.80 13.59
CA SER A 165 -1.44 -4.63 14.57
C SER A 165 -1.67 -5.94 15.32
N PRO A 166 -2.24 -5.85 16.51
CA PRO A 166 -2.54 -7.04 17.26
C PRO A 166 -3.78 -7.72 16.74
N VAL A 167 -3.81 -9.06 16.92
CA VAL A 167 -5.00 -9.85 16.63
C VAL A 167 -5.34 -10.63 17.91
N PRO A 168 -6.61 -10.93 18.09
CA PRO A 168 -7.05 -11.61 19.34
C PRO A 168 -6.87 -13.12 19.28
N LYS A 169 -5.85 -13.62 19.93
CA LYS A 169 -5.52 -15.05 19.94
C LYS A 169 -6.71 -15.96 20.20
N SER A 170 -7.49 -15.62 21.23
CA SER A 170 -8.60 -16.54 21.57
C SER A 170 -9.62 -16.64 20.45
N ALA A 171 -9.91 -15.59 19.69
CA ALA A 171 -10.84 -15.70 18.59
C ALA A 171 -10.20 -16.44 17.43
N VAL A 172 -8.92 -16.15 17.18
CA VAL A 172 -8.24 -16.81 16.06
C VAL A 172 -8.23 -18.33 16.29
N GLU A 173 -7.82 -18.68 17.49
CA GLU A 173 -7.71 -20.11 17.85
C GLU A 173 -9.02 -20.84 17.82
N LYS A 174 -10.08 -20.23 18.32
CA LYS A 174 -11.37 -20.87 18.39
C LYS A 174 -12.12 -20.89 17.06
N PHE A 175 -12.04 -19.83 16.25
CA PHE A 175 -12.80 -19.78 15.01
C PHE A 175 -12.02 -19.95 13.71
N GLY A 176 -10.70 -20.01 13.77
CA GLY A 176 -9.91 -20.24 12.58
C GLY A 176 -10.17 -19.14 11.55
N ASP A 177 -10.38 -19.51 10.29
CA ASP A 177 -10.63 -18.52 9.26
C ASP A 177 -11.94 -17.79 9.38
N LYS A 178 -12.88 -18.12 10.26
CA LYS A 178 -14.09 -17.36 10.40
C LYS A 178 -13.93 -16.42 11.60
N TRP A 179 -12.73 -16.20 12.13
CA TRP A 179 -12.61 -15.32 13.29
C TRP A 179 -13.05 -13.91 12.98
N THR A 180 -12.94 -13.48 11.71
CA THR A 180 -13.32 -12.12 11.35
C THR A 180 -14.78 -11.89 11.05
N GLN A 181 -15.67 -12.89 11.15
CA GLN A 181 -17.09 -12.71 10.95
C GLN A 181 -17.62 -11.84 12.09
N PRO A 182 -18.65 -11.08 11.86
CA PRO A 182 -19.19 -10.17 12.85
C PRO A 182 -19.48 -10.83 14.18
N ALA A 183 -19.95 -12.09 14.18
CA ALA A 183 -20.31 -12.71 15.47
C ALA A 183 -19.11 -13.14 16.26
N ASN A 184 -17.94 -13.25 15.62
CA ASN A 184 -16.76 -13.76 16.25
C ASN A 184 -15.60 -12.78 16.49
N ILE A 185 -15.52 -11.80 15.61
CA ILE A 185 -14.37 -10.88 15.68
C ILE A 185 -14.33 -10.08 16.94
N VAL A 186 -13.13 -9.72 17.38
CA VAL A 186 -12.88 -8.85 18.50
C VAL A 186 -11.86 -7.78 18.02
N THR A 187 -12.12 -6.50 18.25
CA THR A 187 -11.22 -5.47 17.71
C THR A 187 -10.76 -4.47 18.76
N ASN A 188 -9.65 -3.76 18.50
CA ASN A 188 -9.14 -2.79 19.46
C ASN A 188 -8.97 -1.37 18.90
N GLY A 189 -9.45 -1.17 17.66
CA GLY A 189 -9.43 0.22 17.12
C GLY A 189 -10.64 1.03 17.59
N ALA A 190 -10.87 2.18 16.92
CA ALA A 190 -12.00 3.03 17.31
C ALA A 190 -13.35 2.44 16.98
N TYR A 191 -13.43 1.48 16.05
CA TYR A 191 -14.63 0.85 15.59
C TYR A 191 -14.64 -0.67 15.76
N LYS A 192 -15.84 -1.23 15.62
CA LYS A 192 -16.10 -2.64 15.67
C LYS A 192 -16.84 -3.03 14.39
N LEU A 193 -16.76 -4.29 13.99
CA LEU A 193 -17.48 -4.72 12.77
C LEU A 193 -18.94 -5.00 13.05
N LYS A 194 -19.86 -4.38 12.33
CA LYS A 194 -21.29 -4.63 12.50
C LYS A 194 -21.83 -5.59 11.44
N ASN A 195 -21.53 -5.33 10.18
CA ASN A 195 -22.00 -6.13 9.06
C ASN A 195 -20.93 -6.29 7.97
N TRP A 196 -20.90 -7.43 7.32
CA TRP A 196 -19.97 -7.64 6.20
C TRP A 196 -20.74 -8.47 5.16
N VAL A 197 -21.22 -7.83 4.11
CA VAL A 197 -21.94 -8.47 3.02
C VAL A 197 -20.97 -8.40 1.83
N VAL A 198 -20.41 -9.53 1.41
CA VAL A 198 -19.41 -9.54 0.32
C VAL A 198 -19.97 -8.95 -0.95
N ASN A 199 -19.20 -8.04 -1.57
CA ASN A 199 -19.57 -7.33 -2.77
C ASN A 199 -20.74 -6.37 -2.58
N GLU A 200 -21.04 -6.00 -1.32
CA GLU A 200 -22.10 -5.01 -1.10
C GLU A 200 -21.61 -3.91 -0.17
N ARG A 201 -21.31 -4.32 1.08
CA ARG A 201 -20.85 -3.31 2.02
C ARG A 201 -20.18 -3.89 3.27
N ILE A 202 -19.35 -3.06 3.92
CA ILE A 202 -18.80 -3.34 5.23
C ILE A 202 -19.29 -2.19 6.13
N VAL A 203 -19.99 -2.53 7.23
CA VAL A 203 -20.44 -1.45 8.11
C VAL A 203 -19.77 -1.56 9.47
N LEU A 204 -19.11 -0.51 9.91
CA LEU A 204 -18.43 -0.49 11.20
C LEU A 204 -19.18 0.47 12.15
N GLU A 205 -19.18 0.09 13.43
CA GLU A 205 -19.85 0.95 14.42
C GLU A 205 -18.85 1.25 15.53
N ARG A 206 -19.03 2.43 16.11
CA ARG A 206 -18.12 2.85 17.19
C ARG A 206 -17.91 1.79 18.25
N ASN A 207 -16.66 1.61 18.67
CA ASN A 207 -16.27 0.64 19.69
C ASN A 207 -16.18 1.41 21.01
N PRO A 208 -17.13 1.30 21.91
CA PRO A 208 -17.09 2.06 23.16
C PRO A 208 -15.97 1.67 24.09
N GLN A 209 -15.34 0.52 23.88
CA GLN A 209 -14.20 0.14 24.72
C GLN A 209 -12.90 0.79 24.28
N TYR A 210 -12.85 1.39 23.06
CA TYR A 210 -11.63 2.03 22.58
C TYR A 210 -11.15 3.04 23.60
N TRP A 211 -9.87 3.04 23.91
CA TRP A 211 -9.31 3.93 24.92
C TRP A 211 -9.60 5.40 24.62
N ASP A 212 -9.58 5.77 23.34
CA ASP A 212 -9.83 7.20 23.04
C ASP A 212 -11.24 7.46 22.53
N ASN A 213 -12.19 6.61 22.87
CA ASN A 213 -13.56 6.68 22.43
C ASN A 213 -14.25 8.02 22.65
N ALA A 214 -13.96 8.70 23.78
CA ALA A 214 -14.60 9.99 24.02
C ALA A 214 -14.33 10.95 22.87
N LYS A 215 -13.18 10.86 22.18
CA LYS A 215 -12.87 11.76 21.07
C LYS A 215 -13.42 11.26 19.72
N THR A 216 -13.95 10.05 19.65
CA THR A 216 -14.55 9.57 18.39
C THR A 216 -15.88 10.31 18.15
N VAL A 217 -16.10 10.71 16.92
CA VAL A 217 -17.33 11.45 16.59
C VAL A 217 -18.24 10.66 15.69
N ILE A 218 -17.74 10.09 14.59
CA ILE A 218 -18.59 9.32 13.68
C ILE A 218 -19.03 8.02 14.36
N ASN A 219 -20.33 7.77 14.37
CA ASN A 219 -20.85 6.59 15.03
C ASN A 219 -20.85 5.35 14.17
N GLN A 220 -20.94 5.52 12.83
CA GLN A 220 -21.01 4.39 11.94
C GLN A 220 -20.37 4.82 10.60
N VAL A 221 -19.52 3.94 10.08
CA VAL A 221 -18.98 4.22 8.72
C VAL A 221 -19.23 3.00 7.87
N THR A 222 -19.61 3.19 6.62
CA THR A 222 -19.83 2.08 5.69
C THR A 222 -18.73 2.16 4.62
N TYR A 223 -18.11 1.03 4.32
CA TYR A 223 -17.10 0.97 3.24
C TYR A 223 -17.72 0.18 2.11
N LEU A 224 -17.79 0.75 0.91
CA LEU A 224 -18.35 0.06 -0.25
C LEU A 224 -17.24 -0.47 -1.15
N PRO A 225 -17.55 -1.47 -1.96
CA PRO A 225 -16.55 -2.14 -2.77
C PRO A 225 -16.66 -1.83 -4.24
N ILE A 226 -16.91 -0.61 -4.61
CA ILE A 226 -17.18 -0.25 -6.01
C ILE A 226 -15.88 -0.03 -6.79
N SER A 227 -15.60 -0.86 -7.78
CA SER A 227 -14.35 -0.74 -8.54
C SER A 227 -14.50 0.17 -9.76
N SER A 228 -15.74 0.48 -10.12
CA SER A 228 -15.94 1.44 -11.24
C SER A 228 -15.85 2.85 -10.68
N GLU A 229 -14.82 3.64 -11.05
CA GLU A 229 -14.60 4.98 -10.58
C GLU A 229 -15.76 5.88 -11.09
N VAL A 230 -16.27 5.55 -12.27
CA VAL A 230 -17.45 6.30 -12.76
C VAL A 230 -18.64 6.15 -11.83
N THR A 231 -18.96 4.91 -11.45
CA THR A 231 -20.06 4.61 -10.53
C THR A 231 -19.84 5.24 -9.18
N ASP A 232 -18.60 5.21 -8.68
CA ASP A 232 -18.28 5.84 -7.38
C ASP A 232 -18.63 7.33 -7.45
N VAL A 233 -18.17 8.01 -8.48
CA VAL A 233 -18.48 9.43 -8.63
C VAL A 233 -19.99 9.60 -8.74
N ASN A 234 -20.64 8.77 -9.56
CA ASN A 234 -22.10 8.92 -9.67
C ASN A 234 -22.79 8.78 -8.32
N ARG A 235 -22.38 7.84 -7.47
CA ARG A 235 -23.09 7.60 -6.21
C ARG A 235 -22.68 8.62 -5.17
N TYR A 236 -21.54 9.28 -5.37
CA TYR A 236 -21.13 10.41 -4.55
C TYR A 236 -22.05 11.59 -4.97
N ARG A 237 -22.17 11.90 -6.26
CA ARG A 237 -23.00 13.03 -6.67
C ARG A 237 -24.48 12.81 -6.43
N SER A 238 -24.96 11.59 -6.33
CA SER A 238 -26.37 11.34 -6.02
C SER A 238 -26.68 11.58 -4.55
N GLY A 239 -25.65 11.61 -3.69
CA GLY A 239 -25.78 11.84 -2.27
C GLY A 239 -25.47 10.59 -1.44
N GLU A 240 -25.31 9.44 -2.07
CA GLU A 240 -25.10 8.21 -1.27
C GLU A 240 -23.71 8.17 -0.60
N ILE A 241 -22.71 8.54 -1.35
CA ILE A 241 -21.31 8.45 -0.92
C ILE A 241 -20.78 9.80 -0.46
N ASP A 242 -20.13 9.83 0.70
CA ASP A 242 -19.52 11.02 1.24
C ASP A 242 -18.07 11.22 0.81
N MET A 243 -17.34 10.12 0.65
CA MET A 243 -15.95 10.21 0.23
C MET A 243 -15.68 9.17 -0.85
N THR A 244 -15.30 9.54 -2.09
CA THR A 244 -15.07 8.48 -3.08
C THR A 244 -13.75 7.76 -2.72
N TYR A 245 -13.49 6.65 -3.42
CA TYR A 245 -12.17 6.02 -3.30
C TYR A 245 -11.23 6.97 -4.07
N ASN A 246 -9.92 6.84 -3.95
CA ASN A 246 -8.99 7.75 -4.57
C ASN A 246 -8.36 7.11 -5.78
N ASN A 247 -9.22 6.75 -6.72
CA ASN A 247 -8.99 6.36 -8.09
C ASN A 247 -10.09 7.18 -8.83
N MET A 248 -9.69 8.05 -9.75
CA MET A 248 -10.64 8.91 -10.44
C MET A 248 -10.82 8.48 -11.92
N PRO A 249 -12.04 8.57 -12.40
CA PRO A 249 -12.37 8.15 -13.75
C PRO A 249 -11.89 9.10 -14.83
N ILE A 250 -11.37 8.53 -15.92
CA ILE A 250 -10.90 9.38 -17.03
C ILE A 250 -12.13 10.01 -17.66
N GLU A 251 -13.24 9.28 -17.73
CA GLU A 251 -14.45 9.83 -18.32
C GLU A 251 -14.90 11.17 -17.75
N LEU A 252 -14.91 11.31 -16.42
CA LEU A 252 -15.51 12.50 -15.82
C LEU A 252 -14.65 13.54 -15.14
N PHE A 253 -13.39 13.26 -14.86
CA PHE A 253 -12.56 14.14 -14.05
C PHE A 253 -12.40 15.56 -14.54
N GLN A 254 -12.20 15.72 -15.85
CA GLN A 254 -12.03 17.12 -16.32
C GLN A 254 -13.28 17.91 -15.96
N LYS A 255 -14.47 17.36 -16.19
CA LYS A 255 -15.72 18.02 -15.88
C LYS A 255 -15.87 18.30 -14.39
N LEU A 256 -15.49 17.37 -13.52
CA LEU A 256 -15.57 17.54 -12.08
C LEU A 256 -14.76 18.69 -11.53
N LYS A 257 -13.55 18.91 -12.04
CA LYS A 257 -12.74 20.02 -11.56
C LYS A 257 -13.43 21.36 -11.82
N LYS A 258 -14.19 21.42 -12.92
CA LYS A 258 -14.89 22.66 -13.22
C LYS A 258 -16.26 22.66 -12.59
N GLU A 259 -16.87 21.51 -12.35
CA GLU A 259 -18.20 21.52 -11.73
C GLU A 259 -18.14 21.68 -10.22
N ILE A 260 -17.26 20.97 -9.49
CA ILE A 260 -17.22 21.05 -8.04
C ILE A 260 -15.79 21.14 -7.52
N PRO A 261 -15.08 22.22 -7.85
CA PRO A 261 -13.71 22.43 -7.53
C PRO A 261 -13.32 22.22 -6.09
N ASN A 262 -14.09 22.76 -5.18
CA ASN A 262 -13.89 22.66 -3.76
C ASN A 262 -14.02 21.24 -3.20
N GLU A 263 -14.71 20.34 -3.90
CA GLU A 263 -14.82 18.98 -3.43
C GLU A 263 -13.73 18.07 -3.99
N VAL A 264 -13.00 18.52 -5.00
CA VAL A 264 -11.98 17.75 -5.65
C VAL A 264 -10.67 17.99 -4.88
N ARG A 265 -10.28 16.97 -4.09
CA ARG A 265 -9.09 17.11 -3.27
C ARG A 265 -7.93 16.51 -4.03
N VAL A 266 -6.83 17.22 -4.21
CA VAL A 266 -5.67 16.70 -4.95
C VAL A 266 -4.45 16.97 -4.10
N ASP A 267 -3.78 15.92 -3.60
CA ASP A 267 -2.63 16.12 -2.70
C ASP A 267 -1.52 15.15 -3.04
N PRO A 268 -0.32 15.43 -2.53
CA PRO A 268 0.80 14.54 -2.80
C PRO A 268 0.52 13.14 -2.27
N TYR A 269 1.11 12.16 -2.91
CA TYR A 269 0.83 10.75 -2.52
C TYR A 269 2.05 9.91 -2.84
N LEU A 270 2.60 9.18 -1.88
CA LEU A 270 3.81 8.40 -2.15
C LEU A 270 3.46 7.05 -2.78
N CYS A 271 3.04 7.06 -4.04
CA CYS A 271 2.68 5.81 -4.72
C CYS A 271 3.19 5.89 -6.16
N THR A 272 3.53 4.75 -6.71
CA THR A 272 4.00 4.73 -8.08
C THR A 272 3.13 3.78 -8.90
N TYR A 273 2.64 4.25 -10.06
CA TYR A 273 1.87 3.38 -10.97
C TYR A 273 2.88 2.82 -11.97
N TYR A 274 2.83 1.52 -12.22
CA TYR A 274 3.79 0.91 -13.13
C TYR A 274 3.24 -0.35 -13.74
N TYR A 275 3.91 -0.83 -14.80
CA TYR A 275 3.52 -2.14 -15.32
C TYR A 275 4.54 -3.11 -14.77
N GLU A 276 4.09 -4.07 -13.98
CA GLU A 276 4.89 -5.13 -13.37
C GLU A 276 5.18 -6.21 -14.39
N ILE A 277 6.47 -6.50 -14.62
CA ILE A 277 6.80 -7.59 -15.56
C ILE A 277 7.12 -8.82 -14.76
N ASN A 278 6.69 -10.01 -15.20
CA ASN A 278 7.02 -11.23 -14.45
C ASN A 278 8.44 -11.64 -14.87
N ASN A 279 9.42 -11.27 -14.03
CA ASN A 279 10.82 -11.42 -14.43
C ASN A 279 11.28 -12.86 -14.57
N GLN A 280 10.55 -13.81 -13.99
CA GLN A 280 11.02 -15.20 -14.04
C GLN A 280 10.42 -15.98 -15.19
N LYS A 281 9.66 -15.35 -16.08
CA LYS A 281 9.07 -16.11 -17.17
C LYS A 281 9.48 -15.60 -18.54
N ALA A 282 9.99 -16.54 -19.36
CA ALA A 282 10.37 -16.21 -20.73
C ALA A 282 9.09 -15.81 -21.47
N PRO A 283 9.18 -14.85 -22.35
CA PRO A 283 10.43 -14.18 -22.68
C PRO A 283 10.78 -12.97 -21.85
N PHE A 284 10.04 -12.76 -20.75
CA PHE A 284 10.28 -11.58 -19.91
C PHE A 284 11.50 -11.68 -19.01
N ASN A 285 12.21 -12.79 -19.07
CA ASN A 285 13.45 -13.00 -18.35
C ASN A 285 14.62 -12.48 -19.18
N ASP A 286 14.34 -11.93 -20.35
CA ASP A 286 15.31 -11.30 -21.22
C ASP A 286 15.30 -9.81 -20.97
N VAL A 287 16.42 -9.19 -20.55
CA VAL A 287 16.41 -7.73 -20.30
C VAL A 287 16.11 -6.88 -21.49
N ARG A 288 16.41 -7.40 -22.71
CA ARG A 288 16.15 -6.61 -23.92
C ARG A 288 14.65 -6.41 -24.08
N VAL A 289 13.93 -7.49 -23.82
CA VAL A 289 12.46 -7.41 -23.94
C VAL A 289 11.93 -6.42 -22.91
N ARG A 290 12.36 -6.60 -21.65
CA ARG A 290 11.87 -5.68 -20.61
C ARG A 290 12.24 -4.25 -20.90
N THR A 291 13.48 -3.92 -21.35
CA THR A 291 13.86 -2.57 -21.65
C THR A 291 13.06 -1.99 -22.79
N ALA A 292 12.75 -2.81 -23.82
CA ALA A 292 11.97 -2.34 -24.96
C ALA A 292 10.59 -1.89 -24.53
N LEU A 293 9.95 -2.74 -23.69
CA LEU A 293 8.62 -2.34 -23.20
C LEU A 293 8.70 -1.07 -22.39
N LYS A 294 9.72 -0.97 -21.53
CA LYS A 294 9.88 0.22 -20.69
C LYS A 294 10.10 1.50 -21.49
N LEU A 295 10.99 1.41 -22.50
CA LEU A 295 11.29 2.58 -23.33
C LEU A 295 10.20 2.98 -24.31
N ALA A 296 9.48 2.04 -24.90
CA ALA A 296 8.44 2.32 -25.90
C ALA A 296 7.16 2.90 -25.36
N LEU A 297 6.91 2.70 -24.06
CA LEU A 297 5.71 3.30 -23.48
C LEU A 297 5.95 4.82 -23.46
N ASP A 298 5.02 5.61 -23.95
CA ASP A 298 5.14 7.06 -23.94
C ASP A 298 4.41 7.67 -22.75
N ARG A 299 5.17 7.96 -21.70
CA ARG A 299 4.57 8.52 -20.48
C ARG A 299 3.91 9.86 -20.66
N ASP A 300 4.46 10.68 -21.58
CA ASP A 300 3.86 11.97 -21.82
C ASP A 300 2.44 11.79 -22.34
N ILE A 301 2.18 10.89 -23.27
CA ILE A 301 0.82 10.69 -23.78
C ILE A 301 -0.10 10.15 -22.67
N ILE A 302 0.38 9.14 -21.96
CA ILE A 302 -0.43 8.59 -20.87
C ILE A 302 -0.73 9.61 -19.79
N VAL A 303 0.34 10.21 -19.24
CA VAL A 303 0.13 11.13 -18.13
C VAL A 303 -0.52 12.46 -18.48
N ASN A 304 -0.12 13.13 -19.57
CA ASN A 304 -0.72 14.43 -19.87
C ASN A 304 -1.81 14.41 -20.90
N LYS A 305 -1.90 13.38 -21.73
CA LYS A 305 -2.95 13.38 -22.75
C LYS A 305 -4.11 12.48 -22.38
N VAL A 306 -3.86 11.19 -22.12
CA VAL A 306 -4.97 10.30 -21.80
C VAL A 306 -5.46 10.42 -20.37
N LYS A 307 -4.63 10.75 -19.38
CA LYS A 307 -5.12 10.83 -18.00
C LYS A 307 -5.28 12.25 -17.50
N ASN A 308 -4.22 13.05 -17.55
CA ASN A 308 -4.23 14.44 -17.12
C ASN A 308 -4.91 14.75 -15.80
N GLN A 309 -4.48 14.10 -14.72
CA GLN A 309 -5.09 14.31 -13.40
C GLN A 309 -4.09 14.98 -12.45
N GLY A 310 -2.93 15.37 -12.98
CA GLY A 310 -1.84 15.95 -12.23
C GLY A 310 -0.71 14.96 -11.89
N ASP A 311 -0.71 13.75 -12.44
CA ASP A 311 0.37 12.80 -12.14
C ASP A 311 1.67 13.22 -12.82
N LEU A 312 2.80 12.74 -12.31
CA LEU A 312 4.08 13.10 -12.93
C LEU A 312 4.66 11.87 -13.57
N PRO A 313 5.17 11.97 -14.79
CA PRO A 313 5.83 10.89 -15.49
C PRO A 313 6.92 10.27 -14.63
N ALA A 314 6.96 8.94 -14.57
CA ALA A 314 7.90 8.25 -13.69
C ALA A 314 9.04 7.54 -14.37
N TYR A 315 10.19 7.49 -13.71
CA TYR A 315 11.40 6.86 -14.21
C TYR A 315 12.04 6.00 -13.15
N SER A 316 11.38 5.84 -12.00
CA SER A 316 11.90 4.99 -10.92
C SER A 316 10.72 4.28 -10.21
N TYR A 317 11.04 3.41 -9.27
CA TYR A 317 10.02 2.74 -8.47
C TYR A 317 9.71 3.60 -7.26
N THR A 318 10.74 3.88 -6.46
CA THR A 318 10.56 4.80 -5.32
C THR A 318 10.16 6.19 -5.84
N PRO A 319 9.12 6.81 -5.33
CA PRO A 319 8.76 8.15 -5.73
C PRO A 319 9.90 9.08 -5.33
N PRO A 320 10.35 10.03 -6.17
CA PRO A 320 11.46 10.89 -5.86
C PRO A 320 11.24 11.83 -4.70
N TYR A 321 10.03 12.04 -4.23
CA TYR A 321 9.74 12.91 -3.10
C TYR A 321 9.53 12.16 -1.79
N THR A 322 9.91 10.87 -1.83
CA THR A 322 9.93 10.10 -0.56
C THR A 322 11.03 10.70 0.32
N ASP A 323 10.81 10.69 1.61
CA ASP A 323 11.80 11.26 2.56
C ASP A 323 13.08 10.43 2.46
N GLY A 324 14.20 11.02 2.02
CA GLY A 324 15.43 10.23 1.94
C GLY A 324 15.76 9.85 0.50
N ALA A 325 14.90 10.19 -0.47
CA ALA A 325 15.18 9.86 -1.86
C ALA A 325 15.93 11.03 -2.52
N LYS A 326 17.06 10.69 -3.13
CA LYS A 326 17.89 11.63 -3.87
C LYS A 326 18.23 10.90 -5.16
N LEU A 327 17.22 10.67 -5.99
CA LEU A 327 17.43 9.81 -7.16
C LEU A 327 18.06 10.46 -8.37
N VAL A 328 18.74 9.63 -9.16
CA VAL A 328 19.37 10.11 -10.39
C VAL A 328 18.43 9.77 -11.55
N GLU A 329 17.96 10.79 -12.22
CA GLU A 329 17.06 10.60 -13.40
C GLU A 329 17.91 10.02 -14.50
N PRO A 330 17.52 8.84 -15.02
CA PRO A 330 18.26 8.16 -16.05
C PRO A 330 18.24 8.88 -17.38
N GLU A 331 19.30 8.69 -18.18
CA GLU A 331 19.41 9.36 -19.47
C GLU A 331 18.29 9.04 -20.45
N TRP A 332 17.71 7.85 -20.44
CA TRP A 332 16.59 7.52 -21.32
C TRP A 332 15.36 8.38 -21.08
N PHE A 333 15.16 8.89 -19.86
CA PHE A 333 13.98 9.69 -19.56
C PHE A 333 14.04 11.07 -20.19
N LYS A 334 15.24 11.56 -20.46
CA LYS A 334 15.46 12.88 -21.05
C LYS A 334 15.39 12.84 -22.58
N TRP A 335 15.57 11.67 -23.16
CA TRP A 335 15.49 11.50 -24.59
C TRP A 335 14.10 11.86 -25.14
N SER A 336 14.03 11.85 -26.47
CA SER A 336 12.73 12.10 -27.13
C SER A 336 12.06 10.72 -27.19
N GLN A 337 10.75 10.67 -27.36
CA GLN A 337 10.08 9.35 -27.45
C GLN A 337 10.53 8.61 -28.69
N GLN A 338 10.79 9.35 -29.79
CA GLN A 338 11.26 8.69 -31.03
C GLN A 338 12.59 8.00 -30.79
N LYS A 339 13.49 8.65 -30.04
CA LYS A 339 14.77 7.99 -29.72
C LYS A 339 14.56 6.78 -28.86
N ARG A 340 13.66 6.84 -27.87
CA ARG A 340 13.32 5.64 -27.09
C ARG A 340 12.69 4.57 -27.98
N ASN A 341 11.83 4.94 -28.94
CA ASN A 341 11.25 3.90 -29.80
C ASN A 341 12.29 3.14 -30.62
N GLU A 342 13.22 3.84 -31.28
CA GLU A 342 14.20 3.09 -32.10
C GLU A 342 15.01 2.12 -31.27
N GLU A 343 15.48 2.57 -30.09
CA GLU A 343 16.20 1.68 -29.17
C GLU A 343 15.34 0.48 -28.78
N ALA A 344 14.06 0.70 -28.48
CA ALA A 344 13.14 -0.37 -28.14
C ALA A 344 13.02 -1.37 -29.29
N LYS A 345 12.73 -0.83 -30.48
CA LYS A 345 12.59 -1.68 -31.67
C LYS A 345 13.91 -2.40 -31.92
N LYS A 346 15.02 -1.67 -31.82
CA LYS A 346 16.32 -2.32 -31.98
C LYS A 346 16.49 -3.49 -31.02
N LEU A 347 16.22 -3.37 -29.72
CA LEU A 347 16.35 -4.42 -28.74
C LEU A 347 15.45 -5.62 -28.98
N LEU A 348 14.19 -5.35 -29.38
CA LEU A 348 13.30 -6.48 -29.64
C LEU A 348 13.77 -7.22 -30.90
N ALA A 349 14.21 -6.45 -31.90
CA ALA A 349 14.70 -7.15 -33.11
C ALA A 349 15.87 -8.04 -32.72
N GLU A 350 16.75 -7.52 -31.86
CA GLU A 350 17.86 -8.28 -31.32
C GLU A 350 17.41 -9.47 -30.48
N ALA A 351 16.26 -9.38 -29.82
CA ALA A 351 15.75 -10.48 -29.00
C ALA A 351 15.13 -11.61 -29.83
N GLY A 352 15.01 -11.43 -31.14
CA GLY A 352 14.48 -12.45 -32.01
C GLY A 352 13.12 -12.19 -32.60
N PHE A 353 12.48 -11.07 -32.29
CA PHE A 353 11.15 -10.80 -32.81
C PHE A 353 11.12 -10.07 -34.14
N THR A 354 10.22 -10.53 -34.99
CA THR A 354 10.02 -10.00 -36.34
C THR A 354 8.56 -9.71 -36.63
N ALA A 355 8.25 -9.16 -37.80
CA ALA A 355 6.85 -8.91 -38.16
C ALA A 355 6.07 -10.22 -38.22
N ASP A 356 6.64 -11.30 -38.73
CA ASP A 356 5.93 -12.58 -38.85
C ASP A 356 5.98 -13.37 -37.56
N LYS A 357 6.88 -13.06 -36.64
CA LYS A 357 6.93 -13.74 -35.34
C LYS A 357 6.99 -12.66 -34.25
N PRO A 358 5.90 -11.91 -34.09
CA PRO A 358 5.87 -10.77 -33.19
C PRO A 358 5.81 -11.15 -31.73
N LEU A 359 5.98 -10.13 -30.87
CA LEU A 359 5.88 -10.38 -29.43
C LEU A 359 4.40 -10.18 -29.03
N THR A 360 3.84 -11.24 -28.47
CA THR A 360 2.45 -11.23 -28.05
C THR A 360 2.31 -11.72 -26.62
N PHE A 361 1.63 -10.88 -25.80
CA PHE A 361 1.51 -11.28 -24.39
C PHE A 361 0.29 -10.68 -23.70
N ASP A 362 0.05 -11.10 -22.46
CA ASP A 362 -1.10 -10.62 -21.71
C ASP A 362 -0.80 -9.44 -20.79
N LEU A 363 -1.77 -8.57 -20.65
CA LEU A 363 -1.70 -7.41 -19.76
C LEU A 363 -2.89 -7.59 -18.81
N LEU A 364 -2.54 -8.06 -17.63
CA LEU A 364 -3.47 -8.34 -16.53
C LEU A 364 -3.72 -7.08 -15.69
N TYR A 365 -4.99 -6.81 -15.40
CA TYR A 365 -5.26 -5.61 -14.59
C TYR A 365 -6.47 -5.88 -13.69
N ASN A 366 -6.57 -5.18 -12.56
CA ASN A 366 -7.78 -5.39 -11.74
C ASN A 366 -8.92 -4.54 -12.27
N THR A 367 -10.15 -5.12 -12.36
CA THR A 367 -11.33 -4.44 -12.83
C THR A 367 -11.44 -3.01 -12.40
N SER A 368 -11.53 -2.09 -13.36
CA SER A 368 -11.52 -0.68 -13.06
C SER A 368 -11.69 0.17 -14.32
N ASP A 369 -12.41 1.28 -14.20
CA ASP A 369 -12.57 2.10 -15.40
C ASP A 369 -11.20 2.70 -15.74
N LEU A 370 -10.56 3.22 -14.70
CA LEU A 370 -9.25 3.83 -14.86
C LEU A 370 -8.23 2.85 -15.42
N HIS A 371 -8.06 1.68 -14.80
CA HIS A 371 -7.03 0.76 -15.31
C HIS A 371 -7.35 0.26 -16.72
N LYS A 372 -8.62 -0.01 -17.02
CA LYS A 372 -8.93 -0.53 -18.36
C LYS A 372 -8.58 0.54 -19.40
N LYS A 373 -9.02 1.77 -19.20
CA LYS A 373 -8.69 2.85 -20.17
C LYS A 373 -7.19 3.09 -20.32
N LEU A 374 -6.40 3.05 -19.22
CA LEU A 374 -4.96 3.16 -19.35
C LEU A 374 -4.37 1.93 -20.04
N ALA A 375 -4.86 0.71 -19.80
CA ALA A 375 -4.30 -0.47 -20.44
C ALA A 375 -4.61 -0.51 -21.95
N ILE A 376 -5.81 -0.02 -22.29
CA ILE A 376 -6.13 0.01 -23.75
C ILE A 376 -5.14 1.00 -24.41
N ALA A 377 -4.90 2.16 -23.82
CA ALA A 377 -3.98 3.19 -24.33
C ALA A 377 -2.57 2.67 -24.45
N VAL A 378 -2.10 2.01 -23.39
CA VAL A 378 -0.78 1.39 -23.37
C VAL A 378 -0.71 0.32 -24.44
N ALA A 379 -1.76 -0.50 -24.60
CA ALA A 379 -1.73 -1.52 -25.64
C ALA A 379 -1.59 -0.83 -27.02
N SER A 380 -2.31 0.24 -27.26
CA SER A 380 -2.22 0.95 -28.56
C SER A 380 -0.84 1.57 -28.78
N ILE A 381 -0.28 2.16 -27.73
CA ILE A 381 1.05 2.78 -27.79
C ILE A 381 2.09 1.71 -28.06
N TRP A 382 2.02 0.55 -27.38
CA TRP A 382 3.02 -0.49 -27.61
C TRP A 382 2.88 -1.09 -29.02
N LYS A 383 1.65 -1.19 -29.48
CA LYS A 383 1.42 -1.66 -30.86
C LYS A 383 1.99 -0.61 -31.83
N LYS A 384 1.73 0.67 -31.64
CA LYS A 384 2.18 1.67 -32.62
C LYS A 384 3.69 1.86 -32.62
N ASN A 385 4.26 1.90 -31.42
CA ASN A 385 5.67 2.19 -31.24
C ASN A 385 6.61 1.00 -31.32
N LEU A 386 6.15 -0.19 -30.96
CA LEU A 386 7.06 -1.34 -30.92
C LEU A 386 6.56 -2.54 -31.68
N GLY A 387 5.35 -2.47 -32.23
CA GLY A 387 4.73 -3.59 -32.94
C GLY A 387 4.40 -4.80 -32.06
N VAL A 388 4.13 -4.60 -30.76
CA VAL A 388 3.83 -5.79 -29.93
C VAL A 388 2.31 -5.88 -29.74
N ASN A 389 1.78 -7.07 -29.59
CA ASN A 389 0.34 -7.27 -29.44
C ASN A 389 0.04 -7.66 -28.00
N VAL A 390 -0.96 -7.04 -27.42
CA VAL A 390 -1.25 -7.37 -26.01
C VAL A 390 -2.70 -7.79 -25.87
N ASN A 391 -2.91 -8.81 -25.06
CA ASN A 391 -4.26 -9.29 -24.79
C ASN A 391 -4.59 -8.88 -23.33
N LEU A 392 -5.61 -8.06 -23.25
CA LEU A 392 -5.99 -7.50 -21.93
C LEU A 392 -6.82 -8.50 -21.15
N GLU A 393 -6.55 -8.60 -19.83
CA GLU A 393 -7.38 -9.50 -19.03
C GLU A 393 -7.72 -8.80 -17.71
N ASN A 394 -9.00 -8.67 -17.35
CA ASN A 394 -9.31 -8.06 -16.06
C ASN A 394 -9.60 -9.16 -15.04
N GLN A 395 -9.24 -8.93 -13.78
CA GLN A 395 -9.57 -9.84 -12.68
C GLN A 395 -9.99 -9.00 -11.47
N GLU A 396 -10.92 -9.51 -10.65
CA GLU A 396 -11.27 -8.76 -9.44
C GLU A 396 -10.06 -8.65 -8.53
N TRP A 397 -10.01 -7.59 -7.69
CA TRP A 397 -8.86 -7.36 -6.81
C TRP A 397 -8.23 -8.51 -6.08
N LYS A 398 -8.99 -9.26 -5.24
CA LYS A 398 -8.37 -10.35 -4.48
C LYS A 398 -7.75 -11.40 -5.41
N THR A 399 -8.42 -11.73 -6.50
CA THR A 399 -7.87 -12.75 -7.42
C THR A 399 -6.61 -12.24 -8.13
N PHE A 400 -6.68 -10.96 -8.52
CA PHE A 400 -5.55 -10.29 -9.19
C PHE A 400 -4.29 -10.33 -8.37
N LEU A 401 -4.38 -10.00 -7.06
CA LEU A 401 -3.15 -10.07 -6.25
C LEU A 401 -2.66 -11.50 -6.13
N ASP A 402 -3.57 -12.46 -5.95
CA ASP A 402 -3.18 -13.86 -5.90
C ASP A 402 -2.49 -14.29 -7.22
N THR A 403 -3.01 -13.91 -8.35
CA THR A 403 -2.36 -14.25 -9.64
C THR A 403 -0.93 -13.74 -9.71
N ARG A 404 -0.75 -12.49 -9.26
CA ARG A 404 0.61 -11.92 -9.31
C ARG A 404 1.53 -12.68 -8.37
N HIS A 405 1.11 -13.05 -7.17
CA HIS A 405 1.98 -13.84 -6.29
C HIS A 405 2.25 -15.21 -6.91
N GLN A 406 1.28 -15.78 -7.60
CA GLN A 406 1.46 -17.10 -8.26
C GLN A 406 2.53 -17.06 -9.34
N GLY A 407 2.78 -15.90 -9.95
CA GLY A 407 3.92 -15.73 -10.82
C GLY A 407 4.12 -16.56 -12.07
N THR A 408 3.05 -16.68 -12.84
CA THR A 408 3.11 -17.37 -14.14
C THR A 408 2.52 -16.45 -15.19
N PHE A 409 2.18 -15.22 -14.78
CA PHE A 409 1.55 -14.19 -15.59
C PHE A 409 2.59 -13.54 -16.48
N ASP A 410 2.21 -12.56 -17.30
CA ASP A 410 3.16 -11.93 -18.22
C ASP A 410 3.47 -10.52 -17.76
N VAL A 411 2.57 -9.57 -17.96
CA VAL A 411 2.75 -8.21 -17.49
C VAL A 411 1.45 -7.88 -16.72
N ALA A 412 1.55 -7.21 -15.59
CA ALA A 412 0.41 -6.78 -14.84
C ALA A 412 0.43 -5.30 -14.50
N ARG A 413 -0.75 -4.65 -14.58
CA ARG A 413 -0.91 -3.29 -14.10
C ARG A 413 -0.52 -3.35 -12.61
N ALA A 414 0.16 -2.33 -12.10
CA ALA A 414 0.58 -2.36 -10.70
C ALA A 414 0.70 -0.99 -10.08
N GLY A 415 0.85 -0.96 -8.75
CA GLY A 415 0.95 0.31 -8.06
C GLY A 415 1.26 0.00 -6.59
N TRP A 416 2.35 0.61 -6.17
CA TRP A 416 2.74 0.41 -4.76
C TRP A 416 2.67 1.76 -4.07
N CYS A 417 2.14 1.78 -2.85
CA CYS A 417 2.11 2.96 -2.02
C CYS A 417 2.94 2.69 -0.76
N ALA A 418 3.68 3.68 -0.32
CA ALA A 418 4.55 3.49 0.84
C ALA A 418 3.78 3.05 2.08
N ASP A 419 4.46 2.22 2.89
CA ASP A 419 3.88 1.84 4.20
C ASP A 419 4.48 2.75 5.28
N TYR A 420 5.68 3.25 5.04
CA TYR A 420 6.34 4.21 5.92
C TYR A 420 7.15 5.13 5.00
N ASN A 421 7.33 6.39 5.39
CA ASN A 421 7.99 7.32 4.46
C ASN A 421 9.51 7.26 4.48
N GLU A 422 10.06 6.29 3.76
CA GLU A 422 11.54 6.09 3.70
C GLU A 422 11.72 5.20 2.49
N PRO A 423 12.74 5.38 1.66
CA PRO A 423 12.91 4.60 0.44
C PRO A 423 12.86 3.09 0.56
N THR A 424 13.27 2.50 1.69
CA THR A 424 13.20 1.04 1.81
C THR A 424 11.77 0.53 1.87
N SER A 425 10.76 1.36 2.11
CA SER A 425 9.37 0.88 2.06
C SER A 425 9.03 0.46 0.61
N PHE A 426 9.68 1.08 -0.36
CA PHE A 426 9.58 0.61 -1.73
C PHE A 426 10.66 -0.46 -1.97
N LEU A 427 11.93 -0.06 -1.77
CA LEU A 427 13.04 -0.91 -2.21
C LEU A 427 13.08 -2.31 -1.64
N ASN A 428 12.63 -2.48 -0.40
CA ASN A 428 12.68 -3.83 0.19
C ASN A 428 11.78 -4.83 -0.50
N THR A 429 10.74 -4.35 -1.23
CA THR A 429 9.83 -5.23 -1.93
C THR A 429 10.46 -5.84 -3.17
N MET A 430 11.62 -5.35 -3.60
CA MET A 430 12.30 -5.95 -4.76
C MET A 430 13.44 -6.88 -4.30
N LEU A 431 13.63 -7.06 -3.00
CA LEU A 431 14.61 -8.05 -2.52
C LEU A 431 14.21 -9.43 -3.01
N SER A 432 15.19 -10.30 -3.32
CA SER A 432 14.98 -11.63 -3.82
C SER A 432 13.95 -12.44 -3.05
N ASP A 433 14.11 -12.37 -1.72
CA ASP A 433 13.24 -13.13 -0.85
C ASP A 433 12.07 -12.34 -0.28
N SER A 434 11.70 -11.18 -0.81
CA SER A 434 10.59 -10.49 -0.15
C SER A 434 9.26 -11.14 -0.42
N SER A 435 8.45 -11.26 0.61
CA SER A 435 7.08 -11.75 0.50
C SER A 435 6.22 -10.80 -0.33
N ASN A 436 6.59 -9.53 -0.52
CA ASN A 436 5.83 -8.60 -1.35
C ASN A 436 6.36 -8.57 -2.79
N ASN A 437 7.37 -9.40 -3.15
CA ASN A 437 7.93 -9.27 -4.51
C ASN A 437 7.11 -10.03 -5.55
N THR A 438 6.14 -9.29 -6.12
CA THR A 438 5.30 -9.87 -7.17
C THR A 438 5.95 -9.68 -8.53
N ALA A 439 7.07 -8.97 -8.62
CA ALA A 439 7.77 -8.85 -9.90
C ALA A 439 8.55 -10.14 -10.12
N HIS A 440 8.78 -10.92 -9.07
CA HIS A 440 9.58 -12.15 -9.07
C HIS A 440 10.99 -11.84 -9.58
N TYR A 441 11.48 -10.69 -9.15
CA TYR A 441 12.79 -10.15 -9.48
C TYR A 441 13.79 -10.60 -8.42
N LYS A 442 14.92 -11.11 -8.91
CA LYS A 442 15.96 -11.62 -8.01
C LYS A 442 17.33 -11.15 -8.51
N SER A 443 17.89 -10.16 -7.82
CA SER A 443 19.21 -9.63 -8.17
C SER A 443 20.08 -9.56 -6.94
N PRO A 444 21.15 -10.38 -6.93
CA PRO A 444 22.12 -10.34 -5.85
C PRO A 444 22.77 -8.97 -5.73
N ALA A 445 22.96 -8.26 -6.84
CA ALA A 445 23.58 -6.93 -6.73
C ALA A 445 22.61 -5.95 -6.04
N PHE A 446 21.34 -6.05 -6.43
CA PHE A 446 20.33 -5.20 -5.77
C PHE A 446 20.23 -5.53 -4.31
N ASP A 447 20.14 -6.81 -3.92
CA ASP A 447 20.03 -7.22 -2.54
C ASP A 447 21.22 -6.68 -1.72
N LYS A 448 22.42 -6.76 -2.33
CA LYS A 448 23.60 -6.28 -1.61
C LYS A 448 23.56 -4.78 -1.35
N LEU A 449 23.18 -4.00 -2.37
CA LEU A 449 23.05 -2.55 -2.13
C LEU A 449 22.13 -2.25 -0.97
N ILE A 450 20.92 -2.84 -0.87
CA ILE A 450 20.05 -2.58 0.26
C ILE A 450 20.59 -3.08 1.59
N ALA A 451 21.19 -4.26 1.65
CA ALA A 451 21.79 -4.79 2.87
C ALA A 451 22.85 -3.80 3.39
N ASP A 452 23.58 -3.16 2.48
CA ASP A 452 24.60 -2.19 2.83
C ASP A 452 24.05 -0.93 3.48
N THR A 453 22.79 -0.55 3.33
CA THR A 453 22.23 0.65 3.87
C THR A 453 22.21 0.70 5.39
N LEU A 454 22.11 -0.40 6.12
CA LEU A 454 22.07 -0.28 7.58
C LEU A 454 23.45 -0.63 8.19
N LYS A 455 24.44 -0.85 7.34
CA LYS A 455 25.80 -1.12 7.76
C LYS A 455 26.63 0.15 7.80
N VAL A 456 26.06 1.26 7.36
CA VAL A 456 26.65 2.60 7.42
C VAL A 456 25.78 3.36 8.43
N ALA A 457 26.25 4.34 9.15
CA ALA A 457 25.39 5.08 10.09
C ALA A 457 25.33 6.53 9.58
N ASP A 458 25.14 6.63 8.28
CA ASP A 458 25.16 7.93 7.60
C ASP A 458 24.01 8.08 6.62
N ASP A 459 23.21 9.14 6.75
CA ASP A 459 22.08 9.39 5.87
C ASP A 459 22.51 9.64 4.42
N THR A 460 23.64 10.28 4.17
CA THR A 460 24.07 10.53 2.79
C THR A 460 24.54 9.25 2.12
N GLN A 461 25.25 8.41 2.89
CA GLN A 461 25.66 7.14 2.25
C GLN A 461 24.39 6.30 2.02
N ARG A 462 23.46 6.33 2.97
CA ARG A 462 22.21 5.58 2.77
C ARG A 462 21.49 6.05 1.51
N SER A 463 21.35 7.37 1.39
CA SER A 463 20.68 7.90 0.21
C SER A 463 21.36 7.57 -1.10
N GLU A 464 22.69 7.57 -1.11
CA GLU A 464 23.45 7.25 -2.31
C GLU A 464 23.26 5.78 -2.66
N LEU A 465 23.16 4.94 -1.64
CA LEU A 465 22.89 3.53 -1.85
C LEU A 465 21.47 3.32 -2.40
N TYR A 466 20.49 4.07 -1.89
CA TYR A 466 19.13 3.92 -2.45
C TYR A 466 19.13 4.32 -3.91
N ALA A 467 19.83 5.44 -4.23
CA ALA A 467 19.93 5.90 -5.62
C ALA A 467 20.55 4.81 -6.49
N LYS A 468 21.63 4.20 -6.03
CA LYS A 468 22.28 3.13 -6.81
C LYS A 468 21.39 1.89 -6.94
N ALA A 469 20.60 1.60 -5.91
CA ALA A 469 19.65 0.47 -5.96
C ALA A 469 18.61 0.77 -7.03
N GLU A 470 18.14 2.02 -7.11
CA GLU A 470 17.17 2.32 -8.17
C GLU A 470 17.86 2.16 -9.52
N GLN A 471 19.13 2.60 -9.63
CA GLN A 471 19.84 2.44 -10.91
C GLN A 471 19.95 0.97 -11.27
N GLN A 472 20.21 0.09 -10.33
CA GLN A 472 20.31 -1.33 -10.60
C GLN A 472 18.98 -1.88 -11.11
N LEU A 473 17.89 -1.46 -10.42
CA LEU A 473 16.55 -1.88 -10.89
C LEU A 473 16.28 -1.41 -12.30
N ASP A 474 16.63 -0.16 -12.64
CA ASP A 474 16.44 0.41 -13.96
C ASP A 474 17.31 -0.25 -15.01
N LYS A 475 18.56 -0.52 -14.66
CA LYS A 475 19.51 -1.22 -15.52
C LYS A 475 18.95 -2.58 -15.90
N ASP A 476 18.29 -3.26 -14.97
CA ASP A 476 17.67 -4.55 -15.28
C ASP A 476 16.27 -4.44 -15.85
N SER A 477 15.69 -3.26 -15.91
CA SER A 477 14.32 -3.08 -16.39
C SER A 477 13.43 -4.07 -15.68
N ALA A 478 13.48 -4.09 -14.35
CA ALA A 478 12.61 -4.99 -13.60
C ALA A 478 11.14 -4.64 -13.86
N ILE A 479 10.86 -3.35 -13.91
CA ILE A 479 9.50 -2.85 -14.09
C ILE A 479 9.42 -1.78 -15.16
N VAL A 480 8.17 -1.35 -15.43
CA VAL A 480 7.96 -0.26 -16.38
C VAL A 480 7.30 0.85 -15.59
N PRO A 481 8.05 1.79 -15.06
CA PRO A 481 7.47 2.93 -14.37
C PRO A 481 6.60 3.75 -15.31
N VAL A 482 5.45 4.20 -14.80
CA VAL A 482 4.53 4.98 -15.62
C VAL A 482 4.35 6.37 -15.07
N TYR A 483 3.84 6.51 -13.83
CA TYR A 483 3.66 7.84 -13.24
C TYR A 483 3.67 7.79 -11.71
N TYR A 484 4.00 8.89 -11.05
CA TYR A 484 3.88 8.96 -9.58
C TYR A 484 2.46 9.49 -9.38
N TYR A 485 1.71 8.85 -8.46
CA TYR A 485 0.33 9.23 -8.30
C TYR A 485 0.23 10.54 -7.50
N VAL A 486 -0.91 11.19 -7.76
CA VAL A 486 -1.40 12.22 -6.88
C VAL A 486 -2.57 11.54 -6.17
N ASN A 487 -2.92 12.01 -5.00
CA ASN A 487 -4.07 11.49 -4.26
C ASN A 487 -5.29 12.34 -4.61
N ALA A 488 -6.05 11.95 -5.63
CA ALA A 488 -7.21 12.71 -6.07
C ALA A 488 -8.52 12.01 -5.69
N ARG A 489 -9.41 12.68 -4.97
CA ARG A 489 -10.66 12.03 -4.58
C ARG A 489 -11.69 13.12 -4.35
N LEU A 490 -12.96 12.74 -4.28
CA LEU A 490 -13.98 13.73 -3.94
C LEU A 490 -14.36 13.56 -2.48
N VAL A 491 -14.54 14.65 -1.74
CA VAL A 491 -14.92 14.67 -0.33
C VAL A 491 -16.03 15.72 -0.15
N LYS A 492 -17.19 15.35 0.41
CA LYS A 492 -18.30 16.34 0.52
C LYS A 492 -17.87 17.47 1.42
N PRO A 493 -18.47 18.65 1.26
CA PRO A 493 -18.06 19.81 2.05
C PRO A 493 -18.29 19.61 3.54
N TRP A 494 -19.23 18.74 3.91
CA TRP A 494 -19.58 18.54 5.31
C TRP A 494 -18.68 17.51 5.98
N VAL A 495 -17.76 16.89 5.25
CA VAL A 495 -16.84 15.94 5.90
C VAL A 495 -15.64 16.72 6.44
N GLY A 496 -15.54 16.86 7.76
CA GLY A 496 -14.49 17.57 8.44
C GLY A 496 -13.34 16.63 8.86
N GLY A 497 -12.13 17.13 9.02
CA GLY A 497 -11.03 16.35 9.58
C GLY A 497 -10.08 15.72 8.57
N TYR A 498 -10.36 15.80 7.28
CA TYR A 498 -9.50 15.26 6.23
C TYR A 498 -8.62 16.37 5.66
N THR A 499 -7.36 16.40 6.09
CA THR A 499 -6.43 17.43 5.70
C THR A 499 -5.85 17.24 4.32
N GLY A 500 -5.54 16.00 3.95
CA GLY A 500 -4.84 15.70 2.70
C GLY A 500 -3.34 15.93 2.90
N LYS A 501 -2.87 16.24 4.09
CA LYS A 501 -1.46 16.49 4.35
C LYS A 501 -0.61 15.24 4.45
N ASP A 502 -1.22 14.08 4.73
CA ASP A 502 -0.51 12.84 4.85
C ASP A 502 -0.24 12.22 3.50
N PRO A 503 1.03 12.14 3.12
CA PRO A 503 1.39 11.57 1.82
C PRO A 503 1.19 10.07 1.79
N LEU A 504 0.97 9.43 2.95
CA LEU A 504 0.63 8.01 2.98
C LEU A 504 -0.88 7.79 2.95
N ASP A 505 -1.70 8.84 3.14
CA ASP A 505 -3.15 8.72 3.19
C ASP A 505 -3.64 7.69 4.21
N ASN A 506 -3.05 7.72 5.41
CA ASN A 506 -3.46 6.80 6.50
C ASN A 506 -4.65 7.41 7.23
N ILE A 507 -5.85 7.36 6.63
CA ILE A 507 -7.00 8.00 7.30
C ILE A 507 -7.57 7.13 8.39
N TYR A 508 -8.03 7.76 9.46
CA TYR A 508 -8.72 7.03 10.54
C TYR A 508 -10.10 7.69 10.64
N VAL A 509 -11.18 6.93 10.55
CA VAL A 509 -12.52 7.57 10.66
C VAL A 509 -12.74 8.18 12.03
N LYS A 510 -11.99 7.75 13.05
CA LYS A 510 -12.10 8.36 14.39
C LYS A 510 -11.69 9.83 14.37
N ASN A 511 -11.00 10.32 13.36
CA ASN A 511 -10.55 11.67 13.22
C ASN A 511 -11.53 12.56 12.43
N LEU A 512 -12.57 11.99 11.84
CA LEU A 512 -13.45 12.78 11.02
C LEU A 512 -14.72 13.22 11.77
N TYR A 513 -15.49 14.08 11.12
CA TYR A 513 -16.76 14.54 11.72
C TYR A 513 -17.65 15.10 10.61
N ILE A 514 -18.97 15.02 10.88
CA ILE A 514 -19.93 15.52 9.88
C ILE A 514 -20.50 16.88 10.34
N ILE A 515 -20.28 17.89 9.51
CA ILE A 515 -20.71 19.24 9.83
C ILE A 515 -22.18 19.33 9.46
N LYS A 516 -22.99 20.06 10.23
CA LYS A 516 -24.40 20.18 9.90
C LYS A 516 -24.64 20.71 8.50
N HIS A 517 -25.56 20.11 7.77
CA HIS A 517 -25.85 20.62 6.43
C HIS A 517 -27.26 20.21 6.02
N LYS B 1 2.16 -1.00 0.43
CA LYS B 1 0.85 -1.68 0.17
C LYS B 1 0.41 -1.56 -1.28
N HIS B 2 -0.24 -2.59 -1.80
CA HIS B 2 -0.66 -2.52 -3.22
C HIS B 2 -1.88 -1.62 -3.41
N LYS B 3 -1.86 -0.85 -4.53
CA LYS B 3 -3.04 -0.02 -4.83
C LYS B 3 -3.57 -0.39 -6.23
U IUM C . 12.43 13.10 8.00
U IUM D . 16.46 11.37 12.84
U IUM E . 20.21 9.87 11.79
U IUM F . -16.52 3.38 -18.85
U IUM G . 0.50 -15.39 -21.92
U IUM H . -30.27 18.97 5.69
U IUM I . -31.83 15.98 8.06
U IUM J . -32.46 16.03 13.72
#